data_6Y56
#
_entry.id   6Y56
#
_cell.length_a   42.268
_cell.length_b   57.804
_cell.length_c   54.734
_cell.angle_alpha   90.000
_cell.angle_beta   92.293
_cell.angle_gamma   90.000
#
_symmetry.space_group_name_H-M   'P 1 21 1'
#
loop_
_entity.id
_entity.type
_entity.pdbx_description
1 polymer 'Uncharacterized protein'
2 water water
#
_entity_poly.entity_id   1
_entity_poly.type   'polypeptide(L)'
_entity_poly.pdbx_seq_one_letter_code
;AGLTRALVARHALGRAEAYDAALLDVAQDHLLYLLSQTVQFGDNRLVFKGGTSLRKCRLGNVGRFSTDLDFSAPDDEVVL
EVCELIDGARVGGFEFGVQSTRGDGRHWQLRVRHTELGEPRIVASVEFARRPLALPSELLAFIQLPIHKAYGFGLPTLPV
VAEAEACAEKLARYRRVALARDLYDLNHFASRTIDEPLVRRLWVLKVWGDVVDDRRGTRPLRVEDVLAARSEHDFQPDSI
GVLTRPVAMAAWEARVRKRFAFLTDLDADEQRWAACDERHRREVENALAVLRS
;
_entity_poly.pdbx_strand_id   A
#
# COMPACT_ATOMS: atom_id res chain seq x y z
N GLY A 2 -17.25 19.39 -14.14
CA GLY A 2 -17.25 18.76 -12.83
C GLY A 2 -16.20 19.32 -11.88
N LEU A 3 -14.95 18.92 -12.11
CA LEU A 3 -13.88 19.24 -11.18
C LEU A 3 -13.45 20.70 -11.30
N THR A 4 -13.14 21.31 -10.15
CA THR A 4 -12.66 22.68 -10.06
C THR A 4 -11.61 22.75 -8.97
N ARG A 5 -10.82 23.83 -8.98
CA ARG A 5 -9.85 24.06 -7.91
C ARG A 5 -10.53 24.11 -6.55
N ALA A 6 -11.70 24.73 -6.47
CA ALA A 6 -12.39 24.84 -5.19
C ALA A 6 -12.80 23.47 -4.66
N LEU A 7 -13.21 22.56 -5.55
CA LEU A 7 -13.58 21.22 -5.10
C LEU A 7 -12.36 20.45 -4.64
N VAL A 8 -11.24 20.58 -5.35
CA VAL A 8 -10.02 19.89 -4.92
C VAL A 8 -9.51 20.47 -3.61
N ALA A 9 -9.58 21.79 -3.45
CA ALA A 9 -9.17 22.41 -2.19
C ALA A 9 -10.03 21.92 -1.02
N ARG A 10 -11.34 21.76 -1.25
CA ARG A 10 -12.20 21.22 -0.19
C ARG A 10 -11.86 19.77 0.11
N HIS A 11 -11.57 18.99 -0.94
CA HIS A 11 -11.11 17.61 -0.77
C HIS A 11 -9.84 17.55 0.08
N ALA A 12 -9.02 18.59 0.03
CA ALA A 12 -7.83 18.73 0.87
C ALA A 12 -8.16 19.33 2.23
N LEU A 13 -9.44 19.39 2.59
CA LEU A 13 -9.88 19.98 3.86
C LEU A 13 -9.47 21.43 4.00
N GLY A 14 -9.38 22.15 2.89
CA GLY A 14 -8.97 23.54 2.92
C GLY A 14 -7.50 23.79 3.22
N ARG A 15 -6.69 22.74 3.36
CA ARG A 15 -5.27 22.88 3.66
C ARG A 15 -4.50 23.15 2.37
N ALA A 16 -3.93 24.35 2.25
CA ALA A 16 -3.19 24.71 1.04
C ALA A 16 -2.04 23.75 0.78
N GLU A 17 -1.37 23.30 1.85
CA GLU A 17 -0.21 22.43 1.70
C GLU A 17 -0.59 21.05 1.20
N ALA A 18 -1.86 20.66 1.31
CA ALA A 18 -2.33 19.35 0.88
C ALA A 18 -3.04 19.40 -0.47
N TYR A 19 -3.10 20.55 -1.12
CA TYR A 19 -3.82 20.64 -2.38
C TYR A 19 -3.24 19.68 -3.42
N ASP A 20 -1.91 19.61 -3.52
CA ASP A 20 -1.30 18.75 -4.52
C ASP A 20 -1.58 17.28 -4.23
N ALA A 21 -1.52 16.89 -2.95
CA ALA A 21 -1.87 15.52 -2.59
C ALA A 21 -3.32 15.21 -2.92
N ALA A 22 -4.22 16.18 -2.72
CA ALA A 22 -5.63 15.97 -3.06
C ALA A 22 -5.82 15.85 -4.56
N LEU A 23 -5.10 16.66 -5.33
CA LEU A 23 -5.19 16.55 -6.79
C LEU A 23 -4.67 15.20 -7.27
N LEU A 24 -3.58 14.73 -6.66
CA LEU A 24 -3.07 13.40 -7.00
C LEU A 24 -4.06 12.31 -6.60
N ASP A 25 -4.69 12.45 -5.43
CA ASP A 25 -5.71 11.49 -5.01
C ASP A 25 -6.80 11.35 -6.07
N VAL A 26 -7.27 12.50 -6.58
CA VAL A 26 -8.29 12.48 -7.62
C VAL A 26 -7.74 11.84 -8.89
N ALA A 27 -6.51 12.20 -9.28
CA ALA A 27 -5.90 11.64 -10.49
C ALA A 27 -5.78 10.13 -10.38
N GLN A 28 -5.39 9.62 -9.20
CA GLN A 28 -5.32 8.18 -9.01
C GLN A 28 -6.66 7.50 -9.26
N ASP A 29 -7.77 8.11 -8.79
CA ASP A 29 -9.08 7.51 -9.04
C ASP A 29 -9.34 7.40 -10.54
N HIS A 30 -8.94 8.42 -11.28
CA HIS A 30 -9.12 8.42 -12.72
C HIS A 30 -8.27 7.35 -13.38
N LEU A 31 -7.02 7.17 -12.92
CA LEU A 31 -6.15 6.15 -13.46
C LEU A 31 -6.69 4.76 -13.17
N LEU A 32 -7.16 4.54 -11.95
CA LEU A 32 -7.73 3.25 -11.59
C LEU A 32 -8.99 2.94 -12.40
N TYR A 33 -9.79 3.97 -12.68
CA TYR A 33 -10.94 3.78 -13.56
C TYR A 33 -10.47 3.33 -14.94
N LEU A 34 -9.48 4.01 -15.50
CA LEU A 34 -8.96 3.59 -16.81
C LEU A 34 -8.51 2.13 -16.80
N LEU A 35 -7.72 1.75 -15.79
CA LEU A 35 -7.26 0.37 -15.72
C LEU A 35 -8.43 -0.59 -15.64
N SER A 36 -9.46 -0.23 -14.86
CA SER A 36 -10.58 -1.15 -14.68
C SER A 36 -11.34 -1.37 -15.97
N GLN A 37 -11.29 -0.40 -16.87
CA GLN A 37 -11.99 -0.53 -18.14
C GLN A 37 -11.22 -1.32 -19.18
N THR A 38 -9.93 -1.56 -18.95
CA THR A 38 -9.05 -2.08 -20.01
C THR A 38 -8.31 -3.35 -19.63
N VAL A 39 -7.90 -3.50 -18.37
CA VAL A 39 -7.03 -4.60 -17.95
C VAL A 39 -7.80 -5.53 -17.03
N GLN A 40 -7.56 -6.83 -17.16
CA GLN A 40 -8.20 -7.81 -16.29
C GLN A 40 -7.48 -7.84 -14.94
N PHE A 41 -8.20 -7.54 -13.87
CA PHE A 41 -7.68 -7.71 -12.52
C PHE A 41 -8.05 -9.09 -12.01
N GLY A 42 -7.40 -9.54 -10.96
CA GLY A 42 -7.79 -10.78 -10.33
C GLY A 42 -6.64 -11.47 -9.65
N ASP A 43 -6.99 -12.45 -8.81
CA ASP A 43 -6.01 -13.26 -8.10
C ASP A 43 -4.97 -13.83 -9.08
N ASN A 44 -3.71 -13.74 -8.69
CA ASN A 44 -2.59 -14.24 -9.48
C ASN A 44 -2.44 -13.54 -10.81
N ARG A 45 -3.04 -12.36 -10.97
CA ARG A 45 -2.87 -11.58 -12.18
C ARG A 45 -2.56 -10.12 -11.85
N LEU A 46 -3.49 -9.43 -11.20
CA LEU A 46 -3.29 -8.03 -10.87
C LEU A 46 -4.21 -7.70 -9.69
N VAL A 47 -3.62 -7.41 -8.53
CA VAL A 47 -4.38 -7.10 -7.31
C VAL A 47 -3.86 -5.76 -6.78
N PHE A 48 -4.79 -4.86 -6.44
CA PHE A 48 -4.46 -3.56 -5.86
C PHE A 48 -4.11 -3.75 -4.39
N LYS A 49 -3.00 -3.17 -3.93
CA LYS A 49 -2.57 -3.40 -2.55
C LYS A 49 -1.94 -2.13 -1.97
N GLY A 50 -1.30 -2.28 -0.81
CA GLY A 50 -0.58 -1.19 -0.21
C GLY A 50 -1.46 -0.14 0.44
N GLY A 51 -0.78 0.90 0.94
CA GLY A 51 -1.47 1.95 1.66
C GLY A 51 -2.51 2.69 0.86
N THR A 52 -2.33 2.78 -0.46
CA THR A 52 -3.33 3.47 -1.24
C THR A 52 -4.59 2.64 -1.43
N SER A 53 -4.46 1.31 -1.48
CA SER A 53 -5.68 0.50 -1.49
C SER A 53 -6.43 0.66 -0.17
N LEU A 54 -5.70 0.83 0.93
CA LEU A 54 -6.34 1.09 2.21
C LEU A 54 -7.11 2.40 2.17
N ARG A 55 -6.50 3.45 1.60
CA ARG A 55 -7.18 4.73 1.44
C ARG A 55 -8.42 4.59 0.56
N LYS A 56 -8.27 3.99 -0.62
CA LYS A 56 -9.37 4.04 -1.60
C LYS A 56 -10.55 3.18 -1.18
N CYS A 57 -10.28 2.02 -0.60
CA CYS A 57 -11.29 0.97 -0.52
C CYS A 57 -11.64 0.58 0.90
N ARG A 58 -10.93 1.10 1.91
CA ARG A 58 -11.27 0.78 3.29
C ARG A 58 -11.46 2.01 4.16
N LEU A 59 -10.61 3.03 4.02
CA LEU A 59 -10.67 4.17 4.92
C LEU A 59 -11.35 5.40 4.32
N GLY A 60 -11.09 5.70 3.04
CA GLY A 60 -11.59 6.95 2.48
C GLY A 60 -11.09 8.13 3.28
N ASN A 61 -12.01 9.05 3.58
CA ASN A 61 -11.72 10.33 4.27
C ASN A 61 -11.16 10.13 5.69
N VAL A 62 -11.35 8.96 6.31
CA VAL A 62 -10.81 8.76 7.68
C VAL A 62 -9.30 8.46 7.61
N GLY A 63 -8.78 8.24 6.40
CA GLY A 63 -7.36 7.96 6.24
C GLY A 63 -6.62 9.07 5.51
N ARG A 64 -5.31 8.94 5.51
CA ARG A 64 -4.42 9.90 4.90
C ARG A 64 -4.47 9.79 3.38
N PHE A 65 -4.04 10.86 2.71
CA PHE A 65 -3.69 10.72 1.31
C PHE A 65 -2.49 9.79 1.20
N SER A 66 -2.38 9.14 0.04
CA SER A 66 -1.32 8.17 -0.19
C SER A 66 -0.88 8.29 -1.65
N THR A 67 0.43 8.39 -1.88
CA THR A 67 0.95 8.89 -3.15
C THR A 67 1.44 7.78 -4.07
N ASP A 68 1.44 6.54 -3.61
CA ASP A 68 1.91 5.46 -4.44
C ASP A 68 0.75 4.60 -4.90
N LEU A 69 0.96 3.90 -5.99
CA LEU A 69 0.04 2.86 -6.43
C LEU A 69 0.83 1.57 -6.44
N ASP A 70 0.40 0.59 -5.66
CA ASP A 70 1.09 -0.67 -5.54
C ASP A 70 0.16 -1.78 -6.00
N PHE A 71 0.70 -2.70 -6.79
CA PHE A 71 -0.06 -3.84 -7.27
C PHE A 71 0.77 -5.09 -7.07
N SER A 72 0.09 -6.21 -6.88
CA SER A 72 0.71 -7.51 -7.03
C SER A 72 0.47 -7.95 -8.47
N ALA A 73 1.55 -8.25 -9.18
CA ALA A 73 1.46 -8.66 -10.58
C ALA A 73 2.61 -9.59 -10.87
N PRO A 74 2.41 -10.91 -10.67
CA PRO A 74 3.54 -11.84 -10.85
C PRO A 74 4.10 -11.92 -12.26
N ASP A 75 3.35 -11.54 -13.30
CA ASP A 75 3.76 -11.77 -14.68
C ASP A 75 4.28 -10.45 -15.27
N ASP A 76 5.52 -10.47 -15.76
CA ASP A 76 6.11 -9.28 -16.37
C ASP A 76 5.27 -8.77 -17.54
N GLU A 77 4.59 -9.66 -18.26
CA GLU A 77 3.76 -9.22 -19.38
C GLU A 77 2.60 -8.38 -18.91
N VAL A 78 2.01 -8.72 -17.76
CA VAL A 78 0.91 -7.93 -17.21
C VAL A 78 1.40 -6.56 -16.77
N VAL A 79 2.58 -6.52 -16.14
CA VAL A 79 3.17 -5.25 -15.75
C VAL A 79 3.35 -4.35 -16.96
N LEU A 80 3.89 -4.91 -18.05
CA LEU A 80 4.11 -4.08 -19.24
C LEU A 80 2.79 -3.59 -19.82
N GLU A 81 1.78 -4.45 -19.86
CA GLU A 81 0.47 -4.05 -20.36
C GLU A 81 -0.06 -2.84 -19.59
N VAL A 82 0.03 -2.90 -18.25
CA VAL A 82 -0.45 -1.80 -17.41
C VAL A 82 0.36 -0.54 -17.67
N CYS A 83 1.69 -0.67 -17.73
CA CYS A 83 2.53 0.52 -17.90
C CYS A 83 2.34 1.17 -19.27
N GLU A 84 2.21 0.36 -20.33
CA GLU A 84 1.95 0.93 -21.65
C GLU A 84 0.60 1.64 -21.67
N LEU A 85 -0.37 1.12 -20.94
CA LEU A 85 -1.68 1.75 -20.88
C LEU A 85 -1.62 3.08 -20.15
N ILE A 86 -0.92 3.12 -19.01
CA ILE A 86 -0.84 4.34 -18.22
C ILE A 86 -0.12 5.43 -18.99
N ASP A 87 1.03 5.09 -19.57
CA ASP A 87 1.93 6.11 -20.13
C ASP A 87 1.28 6.80 -21.33
N GLY A 88 1.06 8.11 -21.20
CA GLY A 88 0.44 8.89 -22.24
C GLY A 88 -1.08 8.89 -22.22
N ALA A 89 -1.69 8.16 -21.30
CA ALA A 89 -3.15 8.05 -21.27
C ALA A 89 -3.78 9.35 -20.79
N ARG A 90 -4.98 9.60 -21.29
CA ARG A 90 -5.83 10.68 -20.82
C ARG A 90 -7.11 10.08 -20.28
N VAL A 91 -7.57 10.61 -19.15
CA VAL A 91 -8.88 10.27 -18.60
C VAL A 91 -9.51 11.62 -18.28
N GLY A 92 -10.42 12.06 -19.14
CA GLY A 92 -10.98 13.39 -18.97
C GLY A 92 -9.87 14.42 -18.99
N GLY A 93 -9.84 15.26 -17.97
CA GLY A 93 -8.86 16.33 -17.90
C GLY A 93 -7.44 15.91 -17.54
N PHE A 94 -7.25 14.67 -17.08
CA PHE A 94 -5.93 14.26 -16.62
C PHE A 94 -5.15 13.55 -17.72
N GLU A 95 -3.86 13.85 -17.79
CA GLU A 95 -2.91 13.10 -18.60
C GLU A 95 -1.88 12.48 -17.67
N PHE A 96 -1.47 11.26 -17.98
CA PHE A 96 -0.57 10.49 -17.13
C PHE A 96 0.70 10.14 -17.89
N GLY A 97 1.79 10.03 -17.14
CA GLY A 97 3.03 9.52 -17.69
C GLY A 97 3.74 8.74 -16.61
N VAL A 98 4.47 7.71 -17.02
CA VAL A 98 5.29 6.93 -16.10
C VAL A 98 6.70 6.85 -16.65
N GLN A 99 7.67 6.99 -15.76
CA GLN A 99 9.09 6.87 -16.09
C GLN A 99 9.70 5.81 -15.19
N SER A 100 10.45 4.89 -15.79
CA SER A 100 11.04 3.81 -15.02
C SER A 100 12.11 4.36 -14.09
N THR A 101 12.12 3.87 -12.86
CA THR A 101 13.17 4.23 -11.91
C THR A 101 14.23 3.16 -11.76
N ARG A 102 14.00 1.95 -12.28
CA ARG A 102 15.00 0.90 -12.17
C ARG A 102 14.80 -0.09 -13.30
N GLY A 103 15.84 -0.88 -13.54
CA GLY A 103 15.89 -1.71 -14.73
C GLY A 103 14.95 -2.91 -14.73
N ASP A 104 14.30 -3.22 -13.61
CA ASP A 104 13.44 -4.41 -13.59
C ASP A 104 12.06 -4.16 -14.19
N GLY A 105 11.73 -2.94 -14.59
CA GLY A 105 10.44 -2.68 -15.19
C GLY A 105 9.28 -2.63 -14.23
N ARG A 106 9.54 -2.68 -12.92
CA ARG A 106 8.49 -2.82 -11.92
C ARG A 106 8.36 -1.63 -10.99
N HIS A 107 9.15 -0.58 -11.18
CA HIS A 107 9.03 0.61 -10.36
C HIS A 107 9.08 1.85 -11.24
N TRP A 108 8.12 2.74 -11.05
CA TRP A 108 7.89 3.84 -11.97
C TRP A 108 7.59 5.10 -11.18
N GLN A 109 8.06 6.23 -11.68
CA GLN A 109 7.60 7.51 -11.19
C GLN A 109 6.37 7.91 -12.00
N LEU A 110 5.32 8.31 -11.32
CA LEU A 110 4.07 8.73 -11.97
C LEU A 110 4.01 10.25 -12.00
N ARG A 111 3.67 10.80 -13.16
CA ARG A 111 3.42 12.21 -13.30
C ARG A 111 2.02 12.39 -13.83
N VAL A 112 1.30 13.37 -13.29
CA VAL A 112 -0.07 13.63 -13.70
C VAL A 112 -0.20 15.12 -13.98
N ARG A 113 -1.00 15.47 -14.98
CA ARG A 113 -1.23 16.87 -15.30
C ARG A 113 -2.68 17.05 -15.70
N HIS A 114 -3.34 18.03 -15.10
CA HIS A 114 -4.72 18.32 -15.44
C HIS A 114 -4.76 19.59 -16.29
N THR A 115 -5.62 19.57 -17.32
CA THR A 115 -5.66 20.67 -18.28
C THR A 115 -5.86 22.02 -17.60
N GLU A 116 -6.75 22.08 -16.61
CA GLU A 116 -7.03 23.30 -15.88
C GLU A 116 -6.26 23.40 -14.57
N LEU A 117 -6.23 22.33 -13.78
CA LEU A 117 -5.70 22.39 -12.43
C LEU A 117 -4.19 22.17 -12.38
N GLY A 118 -3.57 21.79 -13.48
CA GLY A 118 -2.12 21.73 -13.54
C GLY A 118 -1.55 20.42 -13.02
N GLU A 119 -0.27 20.46 -12.72
CA GLU A 119 0.51 19.29 -12.34
C GLU A 119 0.88 19.36 -10.88
N PRO A 120 0.41 18.44 -10.04
CA PRO A 120 0.85 18.45 -8.63
C PRO A 120 2.33 18.15 -8.53
N ARG A 121 3.01 18.92 -7.67
CA ARG A 121 4.45 18.81 -7.50
C ARG A 121 4.84 17.84 -6.41
N ILE A 122 4.13 16.72 -6.31
CA ILE A 122 4.32 15.74 -5.25
C ILE A 122 4.85 14.46 -5.87
N VAL A 123 5.73 13.78 -5.12
CA VAL A 123 6.33 12.54 -5.59
C VAL A 123 5.27 11.44 -5.59
N ALA A 124 5.11 10.77 -6.73
CA ALA A 124 4.15 9.69 -6.88
C ALA A 124 4.79 8.56 -7.66
N SER A 125 4.36 7.35 -7.38
CA SER A 125 5.00 6.19 -7.96
C SER A 125 3.98 5.09 -8.22
N VAL A 126 4.40 4.13 -9.04
CA VAL A 126 3.65 2.90 -9.27
C VAL A 126 4.65 1.76 -9.13
N GLU A 127 4.29 0.73 -8.37
CA GLU A 127 5.20 -0.40 -8.16
C GLU A 127 4.42 -1.69 -8.30
N PHE A 128 5.09 -2.72 -8.84
CA PHE A 128 4.46 -4.00 -9.14
C PHE A 128 5.27 -5.09 -8.47
N ALA A 129 4.71 -5.71 -7.44
CA ALA A 129 5.38 -6.79 -6.74
C ALA A 129 5.31 -8.07 -7.55
N ARG A 130 6.38 -8.85 -7.52
CA ARG A 130 6.47 -10.11 -8.24
C ARG A 130 5.96 -11.29 -7.42
N ARG A 131 6.16 -11.27 -6.11
CA ARG A 131 5.81 -12.43 -5.30
C ARG A 131 4.30 -12.55 -5.20
N PRO A 132 3.73 -13.73 -5.46
CA PRO A 132 2.27 -13.87 -5.37
C PRO A 132 1.76 -13.57 -3.96
N LEU A 133 0.57 -12.98 -3.89
CA LEU A 133 -0.11 -12.81 -2.62
C LEU A 133 -0.50 -14.17 -2.06
N ALA A 134 -0.58 -14.23 -0.73
CA ALA A 134 -0.88 -15.49 -0.07
C ALA A 134 -2.37 -15.77 0.02
N LEU A 135 -3.20 -14.74 0.13
CA LEU A 135 -4.63 -14.88 0.38
C LEU A 135 -5.44 -14.39 -0.81
N PRO A 136 -6.64 -14.92 -1.01
CA PRO A 136 -7.50 -14.41 -2.09
C PRO A 136 -7.82 -12.95 -1.88
N SER A 137 -7.91 -12.21 -2.98
CA SER A 137 -8.25 -10.80 -2.90
C SER A 137 -9.71 -10.62 -2.49
N GLU A 138 -10.03 -9.40 -2.08
CA GLU A 138 -11.38 -9.00 -1.74
C GLU A 138 -11.73 -7.94 -2.75
N LEU A 139 -12.84 -8.20 -3.45
CA LEU A 139 -13.42 -7.26 -4.45
C LEU A 139 -14.09 -6.12 -3.69
N LEU A 140 -13.57 -4.91 -3.82
CA LEU A 140 -14.11 -3.79 -3.02
C LEU A 140 -14.44 -2.57 -3.88
N ALA A 141 -15.55 -1.94 -3.53
CA ALA A 141 -15.87 -0.60 -4.04
C ALA A 141 -14.98 0.45 -3.38
N PHE A 142 -14.84 1.60 -4.05
CA PHE A 142 -14.22 2.75 -3.41
C PHE A 142 -15.15 3.30 -2.34
N ILE A 143 -14.58 3.71 -1.20
CA ILE A 143 -15.35 4.44 -0.21
C ILE A 143 -15.83 5.73 -0.84
N GLN A 144 -17.13 5.99 -0.75
CA GLN A 144 -17.72 7.14 -1.44
C GLN A 144 -17.33 8.44 -0.75
N LEU A 145 -16.81 9.38 -1.53
CA LEU A 145 -16.38 10.68 -1.05
C LEU A 145 -17.08 11.76 -1.87
N PRO A 146 -17.30 12.95 -1.29
CA PRO A 146 -18.05 13.99 -2.02
C PRO A 146 -17.53 14.34 -3.40
N ILE A 147 -16.22 14.49 -3.56
CA ILE A 147 -15.68 14.91 -4.84
C ILE A 147 -15.95 13.88 -5.94
N HIS A 148 -16.19 12.61 -5.58
CA HIS A 148 -16.48 11.61 -6.61
C HIS A 148 -17.71 11.97 -7.43
N LYS A 149 -18.63 12.75 -6.85
CA LYS A 149 -19.82 13.14 -7.59
C LYS A 149 -19.51 14.02 -8.79
N ALA A 150 -18.32 14.62 -8.83
CA ALA A 150 -17.95 15.51 -9.93
C ALA A 150 -17.21 14.80 -11.06
N TYR A 151 -16.99 13.48 -10.96
CA TYR A 151 -16.10 12.82 -11.89
C TYR A 151 -16.73 12.62 -13.28
N GLY A 152 -18.04 12.34 -13.32
CA GLY A 152 -18.68 12.02 -14.58
C GLY A 152 -18.60 10.55 -14.99
N PHE A 153 -18.04 9.70 -14.13
CA PHE A 153 -18.12 8.25 -14.29
C PHE A 153 -18.21 7.66 -12.90
N GLY A 154 -18.67 6.41 -12.82
CA GLY A 154 -18.70 5.69 -11.56
C GLY A 154 -17.39 4.93 -11.34
N LEU A 155 -16.93 4.95 -10.10
CA LEU A 155 -15.69 4.27 -9.78
C LEU A 155 -15.88 2.76 -9.79
N PRO A 156 -14.84 2.01 -10.15
CA PRO A 156 -14.97 0.56 -10.30
C PRO A 156 -14.91 -0.16 -8.96
N THR A 157 -15.24 -1.44 -9.01
CA THR A 157 -14.86 -2.35 -7.94
C THR A 157 -13.57 -3.04 -8.37
N LEU A 158 -12.66 -3.22 -7.41
CA LEU A 158 -11.35 -3.75 -7.72
C LEU A 158 -10.98 -4.85 -6.72
N PRO A 159 -10.30 -5.90 -7.16
CA PRO A 159 -9.72 -6.85 -6.21
C PRO A 159 -8.60 -6.20 -5.43
N VAL A 160 -8.71 -6.26 -4.11
CA VAL A 160 -7.78 -5.62 -3.19
C VAL A 160 -7.20 -6.68 -2.27
N VAL A 161 -5.95 -6.46 -1.84
CA VAL A 161 -5.30 -7.36 -0.89
C VAL A 161 -6.18 -7.56 0.33
N ALA A 162 -6.24 -8.81 0.81
CA ALA A 162 -6.98 -9.08 2.03
C ALA A 162 -6.40 -8.27 3.18
N GLU A 163 -7.27 -7.86 4.10
CA GLU A 163 -6.84 -6.97 5.16
C GLU A 163 -5.76 -7.58 6.05
N ALA A 164 -5.87 -8.87 6.37
CA ALA A 164 -4.84 -9.51 7.18
C ALA A 164 -3.50 -9.50 6.46
N GLU A 165 -3.51 -9.69 5.14
CA GLU A 165 -2.27 -9.67 4.38
C GLU A 165 -1.71 -8.27 4.25
N ALA A 166 -2.57 -7.26 4.10
CA ALA A 166 -2.09 -5.88 4.06
C ALA A 166 -1.39 -5.52 5.35
N CYS A 167 -1.96 -5.94 6.48
CA CYS A 167 -1.34 -5.67 7.77
C CYS A 167 0.00 -6.39 7.89
N ALA A 168 0.06 -7.66 7.47
CA ALA A 168 1.31 -8.41 7.52
C ALA A 168 2.38 -7.76 6.63
N GLU A 169 1.99 -7.27 5.45
CA GLU A 169 2.96 -6.60 4.59
C GLU A 169 3.47 -5.31 5.23
N LYS A 170 2.59 -4.57 5.88
CA LYS A 170 3.03 -3.35 6.56
C LYS A 170 4.01 -3.67 7.67
N LEU A 171 3.73 -4.71 8.44
CA LEU A 171 4.61 -5.12 9.52
C LEU A 171 5.94 -5.63 8.99
N ALA A 172 5.91 -6.28 7.82
CA ALA A 172 7.15 -6.78 7.22
C ALA A 172 8.07 -5.65 6.82
N ARG A 173 7.53 -4.57 6.29
CA ARG A 173 8.39 -3.44 5.98
C ARG A 173 8.81 -2.69 7.24
N TYR A 174 7.88 -2.51 8.18
CA TYR A 174 8.18 -1.85 9.45
C TYR A 174 9.35 -2.52 10.16
N ARG A 175 9.46 -3.84 10.02
CA ARG A 175 10.53 -4.59 10.65
C ARG A 175 11.88 -4.21 10.09
N ARG A 176 11.93 -3.75 8.83
CA ARG A 176 13.17 -3.43 8.15
C ARG A 176 13.53 -1.95 8.23
N VAL A 177 12.53 -1.07 8.06
CA VAL A 177 12.77 0.37 8.05
C VAL A 177 11.53 1.07 8.61
N ALA A 178 11.76 2.11 9.39
CA ALA A 178 10.69 2.82 10.09
C ALA A 178 10.23 3.99 9.24
N LEU A 179 9.03 3.90 8.69
CA LEU A 179 8.45 4.94 7.83
C LEU A 179 7.19 5.49 8.48
N ALA A 180 7.09 6.82 8.55
CA ALA A 180 5.91 7.42 9.19
C ALA A 180 4.61 7.03 8.50
N ARG A 181 4.63 6.87 7.16
CA ARG A 181 3.39 6.49 6.48
C ARG A 181 2.97 5.08 6.89
N ASP A 182 3.94 4.20 7.11
CA ASP A 182 3.60 2.85 7.57
C ASP A 182 3.10 2.89 9.00
N LEU A 183 3.72 3.72 9.86
CA LEU A 183 3.24 3.88 11.23
C LEU A 183 1.79 4.37 11.24
N TYR A 184 1.47 5.37 10.41
CA TYR A 184 0.10 5.85 10.33
C TYR A 184 -0.85 4.72 9.95
N ASP A 185 -0.50 3.94 8.94
CA ASP A 185 -1.40 2.87 8.48
C ASP A 185 -1.56 1.81 9.55
N LEU A 186 -0.47 1.45 10.23
CA LEU A 186 -0.57 0.47 11.31
C LEU A 186 -1.43 0.99 12.45
N ASN A 187 -1.39 2.31 12.69
CA ASN A 187 -2.27 2.89 13.70
C ASN A 187 -3.74 2.69 13.35
N HIS A 188 -4.08 2.73 12.05
CA HIS A 188 -5.44 2.40 11.65
C HIS A 188 -5.73 0.92 11.82
N PHE A 189 -4.81 0.04 11.41
CA PHE A 189 -5.06 -1.38 11.60
C PHE A 189 -5.28 -1.69 13.07
N ALA A 190 -4.57 -0.97 13.95
CA ALA A 190 -4.70 -1.19 15.39
C ALA A 190 -6.07 -0.80 15.92
N SER A 191 -6.83 -0.01 15.18
CA SER A 191 -8.18 0.38 15.57
C SER A 191 -9.25 -0.52 14.98
N ARG A 192 -8.88 -1.50 14.17
CA ARG A 192 -9.81 -2.39 13.49
C ARG A 192 -9.65 -3.80 14.01
N THR A 193 -10.58 -4.67 13.61
CA THR A 193 -10.47 -6.08 13.97
C THR A 193 -9.22 -6.65 13.32
N ILE A 194 -8.45 -7.42 14.09
CA ILE A 194 -7.22 -8.04 13.61
C ILE A 194 -7.34 -9.54 13.85
N ASP A 195 -7.14 -10.32 12.80
CA ASP A 195 -7.08 -11.78 12.92
C ASP A 195 -5.65 -12.11 13.33
N GLU A 196 -5.42 -12.12 14.64
CA GLU A 196 -4.06 -12.11 15.18
C GLU A 196 -3.20 -13.30 14.75
N PRO A 197 -3.64 -14.55 14.89
CA PRO A 197 -2.77 -15.65 14.46
C PRO A 197 -2.45 -15.61 12.98
N LEU A 198 -3.40 -15.18 12.16
CA LEU A 198 -3.16 -15.13 10.72
C LEU A 198 -2.20 -14.00 10.35
N VAL A 199 -2.37 -12.81 10.94
CA VAL A 199 -1.45 -11.71 10.70
C VAL A 199 -0.05 -12.08 11.13
N ARG A 200 0.09 -12.72 12.31
CA ARG A 200 1.41 -13.09 12.79
C ARG A 200 2.06 -14.13 11.89
N ARG A 201 1.30 -15.14 11.49
CA ARG A 201 1.82 -16.16 10.58
C ARG A 201 2.26 -15.56 9.25
N LEU A 202 1.39 -14.74 8.66
CA LEU A 202 1.73 -14.12 7.39
C LEU A 202 2.93 -13.20 7.51
N TRP A 203 3.04 -12.46 8.63
CA TRP A 203 4.19 -11.59 8.85
C TRP A 203 5.49 -12.38 8.78
N VAL A 204 5.56 -13.50 9.50
CA VAL A 204 6.77 -14.31 9.48
C VAL A 204 7.07 -14.81 8.09
N LEU A 205 6.05 -15.28 7.37
CA LEU A 205 6.27 -15.82 6.02
C LEU A 205 6.67 -14.72 5.05
N LYS A 206 6.13 -13.51 5.21
CA LYS A 206 6.52 -12.41 4.33
C LYS A 206 7.97 -12.00 4.58
N VAL A 207 8.36 -11.89 5.86
CA VAL A 207 9.74 -11.54 6.16
C VAL A 207 10.70 -12.61 5.65
N TRP A 208 10.33 -13.89 5.79
CA TRP A 208 11.19 -14.94 5.27
C TRP A 208 11.49 -14.72 3.79
N GLY A 209 10.46 -14.45 3.00
CA GLY A 209 10.69 -14.19 1.58
C GLY A 209 11.47 -12.90 1.34
N ASP A 210 11.18 -11.85 2.11
CA ASP A 210 11.89 -10.59 1.95
C ASP A 210 13.38 -10.76 2.17
N VAL A 211 13.77 -11.51 3.22
CA VAL A 211 15.17 -11.71 3.55
C VAL A 211 15.81 -12.73 2.60
N VAL A 212 15.21 -13.92 2.49
CA VAL A 212 15.87 -15.02 1.78
C VAL A 212 15.89 -14.78 0.29
N ASP A 213 14.76 -14.34 -0.26
CA ASP A 213 14.67 -14.19 -1.71
C ASP A 213 14.95 -12.78 -2.20
N ASP A 214 14.46 -11.77 -1.47
CA ASP A 214 14.66 -10.37 -1.93
C ASP A 214 15.92 -9.74 -1.31
N ARG A 215 16.56 -10.44 -0.36
CA ARG A 215 17.80 -9.95 0.31
C ARG A 215 17.57 -8.58 0.96
N ARG A 216 16.37 -8.35 1.48
CA ARG A 216 16.02 -7.10 2.15
C ARG A 216 16.01 -7.29 3.66
N GLY A 217 16.67 -6.38 4.38
CA GLY A 217 16.75 -6.50 5.82
C GLY A 217 17.90 -7.40 6.25
N THR A 218 17.80 -7.92 7.46
CA THR A 218 18.81 -8.78 8.05
C THR A 218 18.16 -10.03 8.62
N ARG A 219 18.97 -11.03 8.90
CA ARG A 219 18.48 -12.21 9.61
C ARG A 219 19.16 -12.28 10.97
N PRO A 220 18.50 -12.87 11.98
CA PRO A 220 17.16 -13.45 11.95
C PRO A 220 16.10 -12.40 12.19
N LEU A 221 14.84 -12.78 11.98
CA LEU A 221 13.72 -11.95 12.41
C LEU A 221 13.59 -12.04 13.93
N ARG A 222 13.58 -10.88 14.57
CA ARG A 222 13.34 -10.80 16.01
C ARG A 222 12.11 -9.94 16.25
N VAL A 223 11.31 -10.34 17.24
CA VAL A 223 10.09 -9.58 17.46
C VAL A 223 10.37 -8.14 17.88
N GLU A 224 11.51 -7.91 18.55
CA GLU A 224 11.91 -6.56 18.91
C GLU A 224 12.14 -5.67 17.69
N ASP A 225 12.39 -6.26 16.52
CA ASP A 225 12.50 -5.45 15.31
C ASP A 225 11.28 -4.56 15.12
N VAL A 226 10.11 -5.01 15.57
CA VAL A 226 8.88 -4.25 15.49
C VAL A 226 8.49 -3.66 16.84
N LEU A 227 8.70 -4.41 17.92
CA LEU A 227 8.12 -4.08 19.21
C LEU A 227 9.03 -3.28 20.13
N ALA A 228 10.29 -3.06 19.78
CA ALA A 228 11.12 -2.18 20.58
C ALA A 228 10.58 -0.77 20.49
N ALA A 229 10.70 -0.02 21.59
CA ALA A 229 10.24 1.36 21.58
C ALA A 229 11.02 2.15 20.55
N ARG A 230 10.30 2.84 19.68
CA ARG A 230 10.92 3.72 18.70
C ARG A 230 10.58 5.16 19.05
N SER A 231 11.51 6.06 18.78
CA SER A 231 11.27 7.48 18.94
C SER A 231 10.87 8.08 17.60
N GLU A 232 10.17 9.22 17.65
CA GLU A 232 9.78 9.88 16.41
C GLU A 232 10.98 10.13 15.51
N HIS A 233 12.16 10.32 16.10
CA HIS A 233 13.36 10.52 15.33
C HIS A 233 13.85 9.27 14.64
N ASP A 234 13.32 8.10 15.00
CA ASP A 234 13.65 6.86 14.33
C ASP A 234 12.90 6.67 13.03
N PHE A 235 11.90 7.49 12.73
CA PHE A 235 11.04 7.32 11.56
C PHE A 235 11.41 8.28 10.46
N GLN A 236 11.30 7.83 9.21
CA GLN A 236 11.39 8.72 8.05
C GLN A 236 10.06 9.43 7.86
N PRO A 237 10.03 10.77 7.88
CA PRO A 237 8.73 11.46 7.82
C PRO A 237 8.04 11.35 6.48
N ASP A 238 8.80 11.45 5.39
CA ASP A 238 8.28 11.37 4.02
C ASP A 238 6.98 12.16 3.86
N SER A 239 7.02 13.44 4.27
CA SER A 239 5.91 14.36 4.03
C SER A 239 4.60 13.89 4.64
N ILE A 240 4.65 13.15 5.75
CA ILE A 240 3.41 12.69 6.38
C ILE A 240 2.50 13.87 6.74
N GLY A 241 3.08 15.01 7.11
CA GLY A 241 2.29 16.18 7.46
C GLY A 241 1.54 16.77 6.29
N VAL A 242 2.00 16.53 5.07
CA VAL A 242 1.22 16.92 3.89
C VAL A 242 0.01 16.02 3.75
N LEU A 243 0.16 14.74 4.05
CA LEU A 243 -0.84 13.74 3.74
C LEU A 243 -1.95 13.63 4.79
N THR A 244 -1.70 14.10 6.01
CA THR A 244 -2.70 14.00 7.06
C THR A 244 -2.42 15.08 8.10
N ARG A 245 -3.44 15.35 8.91
CA ARG A 245 -3.34 16.31 10.01
C ARG A 245 -4.30 15.78 11.06
N PRO A 246 -3.89 15.71 12.34
CA PRO A 246 -2.57 16.08 12.85
C PRO A 246 -1.59 14.93 12.70
N VAL A 247 -0.31 15.26 12.79
CA VAL A 247 0.74 14.25 12.90
C VAL A 247 0.99 14.02 14.38
N ALA A 248 0.80 12.78 14.83
CA ALA A 248 0.88 12.42 16.25
C ALA A 248 1.81 11.21 16.36
N MET A 249 3.09 11.41 16.04
CA MET A 249 4.03 10.29 15.94
C MET A 249 4.10 9.49 17.23
N ALA A 250 4.17 10.17 18.38
CA ALA A 250 4.30 9.46 19.65
C ALA A 250 3.03 8.69 20.00
N ALA A 251 1.86 9.28 19.77
CA ALA A 251 0.62 8.56 20.02
C ALA A 251 0.49 7.33 19.13
N TRP A 252 0.82 7.47 17.84
CA TRP A 252 0.74 6.33 16.93
C TRP A 252 1.74 5.24 17.33
N GLU A 253 2.98 5.62 17.62
CA GLU A 253 3.99 4.63 18.00
C GLU A 253 3.55 3.84 19.22
N ALA A 254 3.00 4.54 20.22
CA ALA A 254 2.57 3.87 21.43
C ALA A 254 1.41 2.91 21.16
N ARG A 255 0.41 3.34 20.39
CA ARG A 255 -0.74 2.48 20.12
C ARG A 255 -0.32 1.26 19.31
N VAL A 256 0.54 1.46 18.32
CA VAL A 256 0.99 0.34 17.47
C VAL A 256 1.81 -0.64 18.29
N ARG A 257 2.76 -0.15 19.07
CA ARG A 257 3.60 -1.04 19.87
C ARG A 257 2.76 -1.86 20.84
N LYS A 258 1.75 -1.23 21.46
CA LYS A 258 0.89 -1.96 22.39
C LYS A 258 0.00 -2.95 21.67
N ARG A 259 -0.65 -2.52 20.59
CA ARG A 259 -1.63 -3.39 19.94
C ARG A 259 -0.98 -4.64 19.36
N PHE A 260 0.25 -4.51 18.85
CA PHE A 260 0.91 -5.60 18.15
C PHE A 260 1.75 -6.47 19.07
N ALA A 261 1.53 -6.36 20.38
CA ALA A 261 2.20 -7.25 21.34
C ALA A 261 2.00 -8.72 21.00
N PHE A 262 0.86 -9.08 20.39
CA PHE A 262 0.59 -10.47 20.04
C PHE A 262 1.63 -11.07 19.12
N LEU A 263 2.40 -10.25 18.41
CA LEU A 263 3.44 -10.78 17.54
C LEU A 263 4.51 -11.53 18.33
N THR A 264 4.60 -11.28 19.64
CA THR A 264 5.57 -11.99 20.46
C THR A 264 5.23 -13.46 20.61
N ASP A 265 3.97 -13.83 20.45
CA ASP A 265 3.53 -15.20 20.70
C ASP A 265 3.76 -16.10 19.49
N LEU A 266 4.96 -16.04 18.93
CA LEU A 266 5.33 -16.93 17.84
C LEU A 266 5.27 -18.37 18.29
N ASP A 267 4.69 -19.23 17.45
CA ASP A 267 4.66 -20.65 17.77
C ASP A 267 5.99 -21.30 17.38
N ALA A 268 6.09 -22.62 17.62
CA ALA A 268 7.37 -23.29 17.38
C ALA A 268 7.79 -23.20 15.92
N ASP A 269 6.84 -23.36 14.99
CA ASP A 269 7.18 -23.28 13.57
C ASP A 269 7.64 -21.87 13.19
N GLU A 270 6.90 -20.86 13.65
CA GLU A 270 7.25 -19.47 13.36
C GLU A 270 8.63 -19.13 13.90
N GLN A 271 8.96 -19.63 15.10
CA GLN A 271 10.28 -19.36 15.67
C GLN A 271 11.39 -20.00 14.85
N ARG A 272 11.15 -21.18 14.30
CA ARG A 272 12.11 -21.81 13.40
C ARG A 272 12.26 -21.00 12.11
N TRP A 273 11.14 -20.59 11.52
CA TRP A 273 11.20 -19.90 10.24
C TRP A 273 11.83 -18.51 10.39
N ALA A 274 11.71 -17.91 11.58
CA ALA A 274 12.29 -16.60 11.84
C ALA A 274 13.79 -16.55 11.60
N ALA A 275 14.46 -17.71 11.54
CA ALA A 275 15.86 -17.74 11.18
C ALA A 275 16.14 -17.24 9.78
N CYS A 276 15.13 -17.19 8.91
CA CYS A 276 15.32 -16.79 7.51
C CYS A 276 16.41 -17.62 6.84
N ASP A 277 16.25 -18.92 6.92
CA ASP A 277 17.21 -19.90 6.42
C ASP A 277 16.61 -20.59 5.20
N GLU A 278 17.38 -20.64 4.12
CA GLU A 278 16.96 -21.27 2.87
C GLU A 278 16.51 -22.71 3.10
N ARG A 279 17.07 -23.40 4.10
CA ARG A 279 16.73 -24.80 4.31
C ARG A 279 15.26 -25.02 4.65
N HIS A 280 14.55 -23.97 5.07
CA HIS A 280 13.15 -24.09 5.42
C HIS A 280 12.21 -23.75 4.26
N ARG A 281 12.73 -23.62 3.04
CA ARG A 281 11.90 -23.17 1.92
C ARG A 281 10.66 -24.04 1.73
N ARG A 282 10.82 -25.36 1.77
CA ARG A 282 9.68 -26.25 1.57
C ARG A 282 8.64 -26.09 2.68
N GLU A 283 9.09 -25.95 3.92
CA GLU A 283 8.15 -25.72 5.02
C GLU A 283 7.40 -24.41 4.83
N VAL A 284 8.10 -23.36 4.39
CA VAL A 284 7.47 -22.07 4.16
C VAL A 284 6.47 -22.15 3.00
N GLU A 285 6.86 -22.82 1.90
CA GLU A 285 5.94 -23.03 0.81
C GLU A 285 4.69 -23.78 1.26
N ASN A 286 4.87 -24.80 2.10
CA ASN A 286 3.73 -25.55 2.61
C ASN A 286 2.86 -24.69 3.52
N ALA A 287 3.48 -23.85 4.35
CA ALA A 287 2.71 -22.96 5.22
C ALA A 287 1.91 -21.95 4.41
N LEU A 288 2.48 -21.47 3.30
CA LEU A 288 1.70 -20.61 2.41
C LEU A 288 0.59 -21.40 1.72
N ALA A 289 0.88 -22.64 1.33
CA ALA A 289 -0.11 -23.45 0.63
C ALA A 289 -1.35 -23.71 1.48
N VAL A 290 -1.17 -23.95 2.78
CA VAL A 290 -2.34 -24.21 3.62
C VAL A 290 -3.25 -23.00 3.68
N LEU A 291 -2.71 -21.79 3.47
CA LEU A 291 -3.51 -20.58 3.50
C LEU A 291 -4.20 -20.28 2.16
N ARG A 292 -3.68 -20.81 1.05
CA ARG A 292 -4.33 -20.59 -0.23
C ARG A 292 -5.71 -21.23 -0.26
N SER A 293 -5.80 -22.49 0.17
CA SER A 293 -7.06 -23.20 0.19
C SER A 293 -7.98 -22.62 1.25
#